data_2WQN
#
_entry.id   2WQN
#
_cell.length_a   46.835
_cell.length_b   133.108
_cell.length_c   131.851
_cell.angle_alpha   90.00
_cell.angle_beta   90.00
_cell.angle_gamma   90.00
#
_symmetry.space_group_name_H-M   'I 2 2 2'
#
loop_
_entity.id
_entity.type
_entity.pdbx_description
1 polymer 'SERINE/THREONINE-PROTEIN KINASE NEK7'
2 non-polymer "ADENOSINE-5'-DIPHOSPHATE"
3 non-polymer 'NICKEL (II) ION'
4 non-polymer 'MAGNESIUM ION'
5 non-polymer 'SULFATE ION'
6 water water
#
_entity_poly.entity_id   1
_entity_poly.type   'polypeptide(L)'
_entity_poly.pdbx_seq_one_letter_code
;MDEQSQGMQGPPVPQFQPQKALRPDMGYNTLANFRIEKKIGRGQFSEVYRAACLLDGVPVALKKVQIFDLMDAKARADCI
KEIDLLKQLNHPNVIKYYASFIEDNELNIVLELADAGDLSRMIKHFKKQKRLIPERTVWKYFVQLCSALEHMHSRRVMHR
DIKPANVFITATGVVKLGDLGLGRFFSSKTTAAHSLVGTPYYMSPERIHENGYNFKSDIWSLGCLLYEMAALQSPFYGDK
MNLYSLCKKIEQCDYPPLPSDHYSEELRQLVNMCINPDPEKRPDVTYVYDVAKRMHACTASSLEHHHHHH
;
_entity_poly.pdbx_strand_id   A
#
# COMPACT_ATOMS: atom_id res chain seq x y z
N ALA A 21 26.20 -7.06 -21.65
CA ALA A 21 26.63 -8.44 -21.48
C ALA A 21 26.36 -8.96 -20.06
N LEU A 22 25.84 -10.18 -19.99
CA LEU A 22 25.41 -10.85 -18.77
C LEU A 22 26.50 -10.89 -17.69
N ARG A 23 26.12 -10.63 -16.44
CA ARG A 23 27.06 -10.69 -15.30
C ARG A 23 26.49 -11.53 -14.14
N PRO A 24 26.69 -12.85 -14.20
CA PRO A 24 26.06 -13.85 -13.32
C PRO A 24 26.32 -13.61 -11.83
N ASP A 25 27.50 -13.09 -11.49
CA ASP A 25 27.84 -12.80 -10.10
C ASP A 25 27.04 -11.63 -9.55
N MET A 26 26.47 -10.83 -10.44
CA MET A 26 25.79 -9.60 -10.06
C MET A 26 24.31 -9.75 -9.66
N GLY A 27 23.75 -10.95 -9.78
CA GLY A 27 22.35 -11.16 -9.45
C GLY A 27 21.42 -10.10 -10.02
N TYR A 28 20.51 -9.59 -9.20
CA TYR A 28 19.54 -8.58 -9.62
C TYR A 28 20.09 -7.15 -9.57
N ASN A 29 21.39 -6.99 -9.34
CA ASN A 29 21.97 -5.66 -9.12
C ASN A 29 22.68 -5.03 -10.29
N THR A 30 22.35 -5.44 -11.50
CA THR A 30 22.94 -4.82 -12.66
C THR A 30 21.97 -4.91 -13.84
N LEU A 31 21.93 -3.86 -14.65
CA LEU A 31 20.98 -3.77 -15.76
C LEU A 31 21.26 -4.83 -16.82
N ALA A 32 22.54 -5.18 -16.96
CA ALA A 32 22.96 -6.19 -17.92
C ALA A 32 22.26 -7.54 -17.70
N ASN A 33 21.77 -7.80 -16.48
CA ASN A 33 21.09 -9.06 -16.20
C ASN A 33 19.56 -9.02 -16.44
N PHE A 34 19.09 -7.91 -16.97
CA PHE A 34 17.67 -7.79 -17.28
C PHE A 34 17.44 -7.43 -18.72
N ARG A 35 16.37 -7.98 -19.30
CA ARG A 35 15.88 -7.53 -20.60
CA ARG A 35 15.89 -7.51 -20.60
C ARG A 35 14.59 -6.74 -20.42
N ILE A 36 14.58 -5.49 -20.87
CA ILE A 36 13.39 -4.64 -20.81
C ILE A 36 12.35 -5.08 -21.84
N GLU A 37 11.13 -5.34 -21.40
CA GLU A 37 10.10 -5.75 -22.33
C GLU A 37 9.16 -4.62 -22.74
N LYS A 38 8.78 -3.78 -21.79
CA LYS A 38 7.83 -2.71 -22.09
C LYS A 38 7.82 -1.65 -21.01
N LYS A 39 7.65 -0.39 -21.41
CA LYS A 39 7.35 0.66 -20.46
C LYS A 39 5.89 0.47 -20.05
N ILE A 40 5.65 0.30 -18.76
CA ILE A 40 4.30 0.02 -18.28
C ILE A 40 3.74 1.14 -17.41
N GLY A 41 4.61 2.08 -17.03
CA GLY A 41 4.17 3.19 -16.21
C GLY A 41 5.05 4.42 -16.32
N ARG A 42 4.44 5.58 -16.10
CA ARG A 42 5.18 6.83 -15.98
C ARG A 42 4.80 7.48 -14.66
N GLY A 43 5.80 7.75 -13.83
CA GLY A 43 5.56 8.38 -12.55
C GLY A 43 5.97 9.83 -12.55
N GLN A 44 5.71 10.52 -11.44
CA GLN A 44 6.14 11.90 -11.30
C GLN A 44 7.66 11.94 -11.13
N PHE A 45 8.20 10.92 -10.47
CA PHE A 45 9.64 10.89 -10.19
C PHE A 45 10.36 9.78 -10.94
N SER A 46 9.61 8.86 -11.55
CA SER A 46 10.19 7.67 -12.15
C SER A 46 9.52 7.25 -13.45
N GLU A 47 10.18 6.33 -14.15
CA GLU A 47 9.59 5.64 -15.30
C GLU A 47 9.68 4.14 -15.03
N VAL A 48 8.57 3.43 -15.23
CA VAL A 48 8.48 2.03 -14.81
C VAL A 48 8.36 1.04 -15.97
N TYR A 49 9.19 0.01 -15.95
CA TYR A 49 9.24 -0.96 -17.03
C TYR A 49 8.91 -2.39 -16.57
N ARG A 50 8.36 -3.21 -17.47
CA ARG A 50 8.29 -4.64 -17.23
C ARG A 50 9.56 -5.26 -17.80
N ALA A 51 10.18 -6.14 -17.05
CA ALA A 51 11.41 -6.77 -17.52
C ALA A 51 11.53 -8.18 -16.98
N ALA A 52 12.51 -8.91 -17.50
CA ALA A 52 12.77 -10.26 -17.03
C ALA A 52 14.22 -10.36 -16.58
N CYS A 53 14.43 -10.99 -15.44
CA CYS A 53 15.76 -11.36 -15.04
C CYS A 53 16.26 -12.50 -15.93
N LEU A 54 17.31 -12.21 -16.69
CA LEU A 54 17.87 -13.17 -17.64
C LEU A 54 18.48 -14.41 -16.97
N LEU A 55 18.77 -14.30 -15.68
CA LEU A 55 19.41 -15.39 -14.92
C LEU A 55 18.44 -16.51 -14.56
N ASP A 56 17.18 -16.15 -14.29
CA ASP A 56 16.20 -17.12 -13.82
C ASP A 56 14.80 -16.98 -14.46
N GLY A 57 14.65 -16.02 -15.37
CA GLY A 57 13.41 -15.84 -16.09
C GLY A 57 12.29 -15.19 -15.30
N VAL A 58 12.58 -14.80 -14.06
CA VAL A 58 11.61 -14.14 -13.21
C VAL A 58 11.25 -12.76 -13.78
N PRO A 59 9.96 -12.47 -13.90
CA PRO A 59 9.54 -11.17 -14.41
C PRO A 59 9.54 -10.15 -13.28
N VAL A 60 9.85 -8.90 -13.58
CA VAL A 60 9.96 -7.89 -12.54
C VAL A 60 9.53 -6.53 -13.06
N ALA A 61 9.21 -5.63 -12.14
CA ALA A 61 9.05 -4.23 -12.49
C ALA A 61 10.39 -3.53 -12.21
N LEU A 62 10.81 -2.70 -13.16
CA LEU A 62 12.05 -1.95 -13.01
C LEU A 62 11.77 -0.45 -13.06
N LYS A 63 12.04 0.24 -11.95
CA LYS A 63 11.90 1.68 -11.89
C LYS A 63 13.25 2.36 -12.15
N LYS A 64 13.24 3.43 -12.93
CA LYS A 64 14.45 4.21 -13.13
C LYS A 64 14.20 5.66 -12.70
N VAL A 65 15.03 6.15 -11.78
CA VAL A 65 14.86 7.48 -11.22
C VAL A 65 16.11 8.34 -11.42
N GLN A 66 15.91 9.59 -11.87
CA GLN A 66 17.02 10.51 -12.09
C GLN A 66 17.40 11.24 -10.81
N ILE A 67 17.60 10.48 -9.73
CA ILE A 67 17.77 11.05 -8.40
C ILE A 67 18.84 12.15 -8.29
N PHE A 68 19.72 12.23 -9.27
CA PHE A 68 20.75 13.26 -9.28
C PHE A 68 20.21 14.57 -9.84
N ASP A 69 19.12 14.48 -10.59
CA ASP A 69 18.50 15.64 -11.20
C ASP A 69 17.29 16.12 -10.39
N LEU A 70 17.04 15.47 -9.27
CA LEU A 70 15.85 15.79 -8.48
C LEU A 70 16.09 15.74 -6.97
N MET A 71 17.14 15.04 -6.55
CA MET A 71 17.43 14.92 -5.12
C MET A 71 18.75 15.59 -4.74
N ASP A 72 18.97 15.73 -3.44
CA ASP A 72 20.20 16.30 -2.93
C ASP A 72 20.86 15.30 -1.99
N ALA A 73 22.14 15.50 -1.69
CA ALA A 73 22.88 14.59 -0.83
C ALA A 73 21.99 14.01 0.27
N LYS A 74 21.41 14.89 1.08
CA LYS A 74 20.58 14.48 2.22
C LYS A 74 19.43 13.57 1.82
N ALA A 75 18.63 13.99 0.83
CA ALA A 75 17.51 13.19 0.35
C ALA A 75 17.97 11.80 -0.11
N ARG A 76 19.06 11.74 -0.87
CA ARG A 76 19.57 10.47 -1.38
C ARG A 76 19.94 9.52 -0.24
N ALA A 77 20.42 10.07 0.86
CA ALA A 77 20.71 9.27 2.03
C ALA A 77 19.44 8.68 2.60
N ASP A 78 18.45 9.55 2.84
CA ASP A 78 17.16 9.14 3.40
C ASP A 78 16.47 8.11 2.52
N CYS A 79 16.37 8.41 1.24
CA CYS A 79 15.72 7.50 0.29
C CYS A 79 16.44 6.15 0.25
N ILE A 80 17.76 6.18 0.08
CA ILE A 80 18.54 4.95 -0.05
C ILE A 80 18.58 4.13 1.22
N LYS A 81 18.68 4.80 2.36
CA LYS A 81 18.58 4.12 3.64
C LYS A 81 17.21 3.44 3.77
N GLU A 82 16.16 4.15 3.34
CA GLU A 82 14.81 3.60 3.41
C GLU A 82 14.67 2.40 2.48
N ILE A 83 15.15 2.52 1.25
CA ILE A 83 15.06 1.41 0.29
C ILE A 83 15.78 0.18 0.86
N ASP A 84 16.93 0.40 1.48
CA ASP A 84 17.71 -0.69 2.03
C ASP A 84 16.98 -1.40 3.17
N LEU A 85 16.26 -0.63 3.99
CA LEU A 85 15.38 -1.21 5.00
C LEU A 85 14.31 -2.05 4.30
N LEU A 86 13.74 -1.52 3.24
CA LEU A 86 12.66 -2.19 2.49
C LEU A 86 13.04 -3.53 1.85
N LYS A 87 14.29 -3.67 1.44
CA LYS A 87 14.75 -4.90 0.78
C LYS A 87 14.83 -6.07 1.75
N GLN A 88 14.87 -5.78 3.03
CA GLN A 88 14.88 -6.80 4.07
C GLN A 88 13.49 -7.43 4.27
N LEU A 89 12.43 -6.71 3.88
CA LEU A 89 11.07 -7.23 4.01
C LEU A 89 10.89 -8.50 3.20
N ASN A 90 10.05 -9.40 3.71
CA ASN A 90 9.85 -10.67 3.05
C ASN A 90 8.53 -11.30 3.48
N HIS A 91 7.51 -11.14 2.66
CA HIS A 91 6.17 -11.58 3.00
C HIS A 91 5.36 -11.65 1.71
N PRO A 92 4.49 -12.65 1.61
CA PRO A 92 3.64 -12.94 0.44
C PRO A 92 2.64 -11.82 0.11
N ASN A 93 2.34 -10.93 1.05
CA ASN A 93 1.35 -9.90 0.76
C ASN A 93 1.98 -8.50 0.64
N VAL A 94 3.30 -8.47 0.53
CA VAL A 94 4.05 -7.23 0.41
C VAL A 94 4.89 -7.31 -0.85
N ILE A 95 4.83 -6.28 -1.69
CA ILE A 95 5.65 -6.24 -2.91
C ILE A 95 7.13 -6.39 -2.55
N LYS A 96 7.80 -7.35 -3.16
CA LYS A 96 9.20 -7.65 -2.87
C LYS A 96 10.12 -6.63 -3.52
N TYR A 97 11.10 -6.16 -2.75
CA TYR A 97 12.15 -5.30 -3.30
C TYR A 97 13.38 -6.16 -3.50
N TYR A 98 13.58 -6.62 -4.73
CA TYR A 98 14.68 -7.52 -5.04
C TYR A 98 16.03 -6.84 -4.96
N ALA A 99 16.08 -5.59 -5.39
CA ALA A 99 17.36 -4.93 -5.51
C ALA A 99 17.16 -3.45 -5.75
N SER A 100 18.21 -2.68 -5.47
CA SER A 100 18.29 -1.27 -5.83
C SER A 100 19.76 -0.96 -6.01
N PHE A 101 20.07 -0.06 -6.92
CA PHE A 101 21.46 0.23 -7.24
C PHE A 101 21.58 1.44 -8.14
N ILE A 102 22.71 2.13 -8.04
CA ILE A 102 22.97 3.27 -8.90
C ILE A 102 23.65 2.78 -10.17
N GLU A 103 23.09 3.14 -11.32
CA GLU A 103 23.71 2.81 -12.60
C GLU A 103 23.19 3.72 -13.70
N ASP A 104 24.12 4.23 -14.52
CA ASP A 104 23.80 5.18 -15.57
C ASP A 104 23.29 6.49 -14.96
N ASN A 105 23.83 6.82 -13.80
CA ASN A 105 23.43 8.02 -13.07
C ASN A 105 21.97 7.98 -12.63
N GLU A 106 21.45 6.77 -12.45
CA GLU A 106 20.07 6.58 -12.03
C GLU A 106 19.97 5.60 -10.86
N LEU A 107 18.93 5.76 -10.05
CA LEU A 107 18.57 4.75 -9.07
C LEU A 107 17.70 3.76 -9.81
N ASN A 108 18.12 2.50 -9.84
CA ASN A 108 17.29 1.44 -10.38
C ASN A 108 16.74 0.58 -9.26
N ILE A 109 15.42 0.50 -9.17
CA ILE A 109 14.76 -0.33 -8.18
C ILE A 109 14.07 -1.48 -8.88
N VAL A 110 14.41 -2.70 -8.48
CA VAL A 110 13.83 -3.88 -9.08
C VAL A 110 12.81 -4.44 -8.10
N LEU A 111 11.57 -4.57 -8.56
CA LEU A 111 10.45 -4.90 -7.70
C LEU A 111 9.71 -6.10 -8.24
N GLU A 112 9.02 -6.79 -7.36
CA GLU A 112 8.05 -7.81 -7.76
C GLU A 112 7.05 -7.18 -8.73
N LEU A 113 6.84 -7.83 -9.87
CA LEU A 113 5.84 -7.36 -10.82
C LEU A 113 4.44 -7.67 -10.28
N ALA A 114 3.61 -6.65 -10.20
CA ALA A 114 2.21 -6.78 -9.80
C ALA A 114 1.44 -6.16 -10.93
N ASP A 115 0.86 -7.02 -11.76
CA ASP A 115 0.49 -6.62 -13.11
C ASP A 115 -1.00 -6.68 -13.46
N ALA A 116 -1.79 -7.27 -12.57
CA ALA A 116 -3.16 -7.66 -12.90
C ALA A 116 -4.25 -6.66 -12.50
N GLY A 117 -3.88 -5.64 -11.74
CA GLY A 117 -4.86 -4.68 -11.23
C GLY A 117 -4.69 -4.42 -9.74
N ASP A 118 -5.66 -3.73 -9.15
CA ASP A 118 -5.57 -3.30 -7.76
C ASP A 118 -6.94 -3.07 -7.14
N LEU A 119 -6.95 -2.64 -5.89
CA LEU A 119 -8.17 -2.46 -5.12
C LEU A 119 -9.02 -1.33 -5.67
N SER A 120 -8.34 -0.30 -6.17
CA SER A 120 -9.00 0.86 -6.75
C SER A 120 -9.90 0.42 -7.92
N ARG A 121 -9.37 -0.48 -8.76
CA ARG A 121 -10.15 -1.00 -9.88
C ARG A 121 -11.22 -1.99 -9.44
N MET A 122 -10.94 -2.81 -8.43
CA MET A 122 -11.96 -3.72 -7.92
C MET A 122 -13.17 -2.90 -7.48
N ILE A 123 -12.90 -1.77 -6.83
CA ILE A 123 -13.96 -0.91 -6.31
C ILE A 123 -14.74 -0.25 -7.46
N LYS A 124 -14.06 0.03 -8.56
CA LYS A 124 -14.71 0.55 -9.76
C LYS A 124 -15.64 -0.49 -10.36
N HIS A 125 -15.21 -1.75 -10.41
CA HIS A 125 -16.06 -2.82 -10.90
C HIS A 125 -17.39 -2.82 -10.16
N PHE A 126 -17.33 -2.84 -8.83
CA PHE A 126 -18.54 -2.93 -8.03
C PHE A 126 -19.46 -1.73 -8.22
N LYS A 127 -18.84 -0.56 -8.28
CA LYS A 127 -19.56 0.67 -8.55
C LYS A 127 -20.28 0.56 -9.90
N LYS A 128 -19.56 0.05 -10.90
CA LYS A 128 -20.10 -0.08 -12.25
C LYS A 128 -21.27 -1.05 -12.28
N GLN A 129 -21.18 -2.10 -11.47
CA GLN A 129 -22.22 -3.10 -11.43
C GLN A 129 -23.33 -2.65 -10.48
N LYS A 130 -23.12 -1.48 -9.87
CA LYS A 130 -24.05 -0.94 -8.89
C LYS A 130 -24.32 -1.95 -7.77
N ARG A 131 -23.24 -2.53 -7.26
CA ARG A 131 -23.29 -3.51 -6.20
C ARG A 131 -22.27 -3.17 -5.13
N LEU A 132 -22.58 -3.53 -3.88
CA LEU A 132 -21.64 -3.35 -2.78
C LEU A 132 -20.81 -4.61 -2.65
N ILE A 133 -19.62 -4.48 -2.07
CA ILE A 133 -18.78 -5.64 -1.83
C ILE A 133 -19.32 -6.40 -0.61
N PRO A 134 -19.65 -7.69 -0.79
CA PRO A 134 -20.19 -8.43 0.35
C PRO A 134 -19.19 -8.42 1.49
N GLU A 135 -19.67 -8.45 2.72
CA GLU A 135 -18.80 -8.35 3.88
C GLU A 135 -17.72 -9.44 3.86
N ARG A 136 -18.16 -10.65 3.52
CA ARG A 136 -17.29 -11.81 3.40
C ARG A 136 -16.12 -11.55 2.45
N THR A 137 -16.38 -10.85 1.36
CA THR A 137 -15.36 -10.54 0.36
C THR A 137 -14.45 -9.44 0.85
N VAL A 138 -15.02 -8.48 1.56
CA VAL A 138 -14.22 -7.43 2.20
C VAL A 138 -13.16 -8.03 3.13
N TRP A 139 -13.57 -8.95 4.00
CA TRP A 139 -12.62 -9.58 4.94
C TRP A 139 -11.58 -10.41 4.19
N LYS A 140 -12.02 -11.09 3.13
CA LYS A 140 -11.12 -11.95 2.35
C LYS A 140 -9.88 -11.18 1.89
N TYR A 141 -10.07 -9.93 1.50
CA TYR A 141 -8.96 -9.10 1.05
C TYR A 141 -8.33 -8.31 2.18
N PHE A 142 -9.14 -7.81 3.10
CA PHE A 142 -8.63 -7.00 4.20
C PHE A 142 -7.67 -7.77 5.10
N VAL A 143 -7.98 -9.03 5.36
CA VAL A 143 -7.15 -9.84 6.25
C VAL A 143 -5.76 -10.02 5.67
N GLN A 144 -5.67 -10.12 4.34
CA GLN A 144 -4.37 -10.21 3.65
C GLN A 144 -3.62 -8.89 3.82
N LEU A 145 -4.37 -7.79 3.73
CA LEU A 145 -3.75 -6.48 3.83
C LEU A 145 -3.20 -6.29 5.25
N CYS A 146 -3.92 -6.80 6.24
CA CYS A 146 -3.48 -6.70 7.63
C CYS A 146 -2.23 -7.53 7.85
N SER A 147 -2.21 -8.70 7.20
CA SER A 147 -1.06 -9.58 7.27
C SER A 147 0.18 -8.83 6.78
N ALA A 148 0.06 -8.24 5.59
CA ALA A 148 1.10 -7.39 5.02
C ALA A 148 1.59 -6.35 6.00
N LEU A 149 0.65 -5.62 6.61
CA LEU A 149 1.03 -4.48 7.41
C LEU A 149 1.61 -4.89 8.77
N GLU A 150 1.14 -6.02 9.31
CA GLU A 150 1.70 -6.49 10.56
C GLU A 150 3.14 -6.94 10.35
N HIS A 151 3.40 -7.50 9.18
CA HIS A 151 4.77 -7.87 8.84
C HIS A 151 5.65 -6.63 8.85
N MET A 152 5.19 -5.59 8.16
CA MET A 152 5.95 -4.35 8.09
C MET A 152 6.20 -3.78 9.48
N HIS A 153 5.13 -3.66 10.27
CA HIS A 153 5.26 -3.12 11.63
C HIS A 153 6.12 -3.99 12.53
N SER A 154 6.01 -5.30 12.41
CA SER A 154 6.87 -6.19 13.18
C SER A 154 8.34 -5.94 12.87
N ARG A 155 8.63 -5.51 11.64
CA ARG A 155 9.99 -5.20 11.21
C ARG A 155 10.30 -3.74 11.44
N ARG A 156 9.42 -3.03 12.15
CA ARG A 156 9.62 -1.61 12.44
C ARG A 156 9.74 -0.74 11.17
N VAL A 157 9.00 -1.09 10.12
CA VAL A 157 8.94 -0.29 8.90
C VAL A 157 7.52 0.27 8.67
N MET A 158 7.41 1.58 8.51
CA MET A 158 6.12 2.21 8.26
C MET A 158 5.86 2.22 6.77
N HIS A 159 4.62 1.97 6.38
CA HIS A 159 4.31 1.99 4.95
C HIS A 159 4.25 3.38 4.36
N ARG A 160 3.51 4.29 5.00
CA ARG A 160 3.48 5.69 4.59
C ARG A 160 2.50 6.08 3.48
N ASP A 161 2.02 5.12 2.69
CA ASP A 161 1.15 5.47 1.56
C ASP A 161 0.10 4.40 1.30
N ILE A 162 -0.68 4.06 2.32
CA ILE A 162 -1.73 3.07 2.14
C ILE A 162 -2.92 3.70 1.44
N LYS A 163 -3.29 3.11 0.31
CA LYS A 163 -4.43 3.56 -0.47
C LYS A 163 -4.79 2.46 -1.44
N PRO A 164 -6.06 2.45 -1.91
CA PRO A 164 -6.52 1.38 -2.80
C PRO A 164 -5.65 1.15 -4.03
N ALA A 165 -5.22 2.19 -4.73
CA ALA A 165 -4.40 2.03 -5.93
C ALA A 165 -3.04 1.41 -5.58
N ASN A 166 -2.62 1.58 -4.34
CA ASN A 166 -1.35 1.02 -3.91
C ASN A 166 -1.51 -0.38 -3.33
N VAL A 167 -2.72 -0.92 -3.44
CA VAL A 167 -3.01 -2.27 -2.97
C VAL A 167 -3.28 -3.15 -4.19
N PHE A 168 -2.21 -3.67 -4.79
CA PHE A 168 -2.34 -4.54 -5.95
C PHE A 168 -2.96 -5.87 -5.55
N ILE A 169 -3.56 -6.52 -6.54
CA ILE A 169 -4.19 -7.82 -6.39
C ILE A 169 -3.75 -8.62 -7.59
N THR A 170 -3.24 -9.83 -7.39
CA THR A 170 -2.80 -10.63 -8.53
C THR A 170 -4.04 -11.19 -9.23
N ALA A 171 -3.83 -11.86 -10.36
CA ALA A 171 -4.92 -12.52 -11.04
C ALA A 171 -5.58 -13.57 -10.16
N THR A 172 -4.87 -14.04 -9.14
CA THR A 172 -5.39 -15.11 -8.28
C THR A 172 -6.06 -14.57 -7.01
N GLY A 173 -6.23 -13.25 -6.93
CA GLY A 173 -6.83 -12.64 -5.76
C GLY A 173 -5.92 -12.39 -4.58
N VAL A 174 -4.62 -12.58 -4.76
CA VAL A 174 -3.65 -12.34 -3.66
C VAL A 174 -3.38 -10.85 -3.52
N VAL A 175 -3.44 -10.36 -2.29
CA VAL A 175 -3.14 -8.96 -2.03
C VAL A 175 -1.63 -8.76 -2.06
N LYS A 176 -1.19 -7.70 -2.73
CA LYS A 176 0.22 -7.32 -2.75
C LYS A 176 0.32 -5.86 -2.38
N LEU A 177 0.66 -5.58 -1.12
CA LEU A 177 0.81 -4.21 -0.66
C LEU A 177 1.94 -3.52 -1.41
N GLY A 178 1.57 -2.58 -2.26
CA GLY A 178 2.51 -2.02 -3.22
C GLY A 178 3.58 -1.13 -2.63
N ASP A 179 4.52 -0.74 -3.48
CA ASP A 179 5.70 0.02 -3.06
C ASP A 179 5.40 1.41 -2.50
N LEU A 180 6.06 1.74 -1.40
CA LEU A 180 5.88 3.00 -0.71
C LEU A 180 6.28 4.14 -1.63
N THR A 199 -0.23 15.25 -2.98
CA THR A 199 -1.61 15.19 -2.51
C THR A 199 -2.03 13.76 -2.17
N PRO A 200 -1.58 13.25 -0.99
CA PRO A 200 -1.84 11.88 -0.53
C PRO A 200 -3.34 11.52 -0.49
N TYR A 201 -3.64 10.26 -0.84
CA TYR A 201 -5.02 9.79 -0.97
C TYR A 201 -5.78 9.86 0.35
N TYR A 202 -5.16 9.35 1.41
CA TYR A 202 -5.74 9.39 2.75
C TYR A 202 -4.88 10.25 3.67
N MET A 203 -5.38 11.43 4.01
CA MET A 203 -4.63 12.33 4.88
C MET A 203 -5.05 12.19 6.35
N SER A 204 -4.16 11.67 7.18
CA SER A 204 -4.42 11.57 8.62
C SER A 204 -4.26 12.94 9.28
N PRO A 205 -4.92 13.14 10.43
CA PRO A 205 -4.86 14.44 11.11
C PRO A 205 -3.43 14.84 11.43
N GLU A 206 -2.61 13.91 11.92
CA GLU A 206 -1.22 14.25 12.25
C GLU A 206 -0.43 14.64 11.00
N ARG A 207 -0.72 13.99 9.87
CA ARG A 207 -0.06 14.37 8.61
C ARG A 207 -0.57 15.71 8.07
N ILE A 208 -1.87 15.94 8.16
CA ILE A 208 -2.45 17.22 7.74
C ILE A 208 -1.74 18.38 8.42
N HIS A 209 -1.37 18.20 9.68
CA HIS A 209 -0.78 19.27 10.48
C HIS A 209 0.75 19.17 10.56
N GLU A 210 1.32 18.34 9.68
CA GLU A 210 2.77 18.26 9.52
C GLU A 210 3.48 17.65 10.71
N ASN A 211 2.72 17.00 11.59
CA ASN A 211 3.34 16.16 12.62
C ASN A 211 4.00 14.99 11.92
N GLY A 212 4.86 14.28 12.64
CA GLY A 212 5.54 13.12 12.08
C GLY A 212 4.57 12.01 11.71
N TYR A 213 4.82 11.36 10.58
CA TYR A 213 4.10 10.14 10.24
C TYR A 213 4.67 9.08 11.16
N ASN A 214 3.81 8.19 11.63
CA ASN A 214 4.26 7.10 12.47
C ASN A 214 3.33 5.91 12.32
N PHE A 215 3.50 4.88 13.15
CA PHE A 215 2.76 3.65 12.93
C PHE A 215 1.24 3.83 13.00
N LYS A 216 0.77 4.64 13.94
CA LYS A 216 -0.67 4.88 14.09
C LYS A 216 -1.25 5.54 12.84
N SER A 217 -0.40 6.24 12.08
CA SER A 217 -0.82 6.85 10.83
C SER A 217 -1.17 5.80 9.77
N ASP A 218 -0.38 4.72 9.71
CA ASP A 218 -0.73 3.58 8.87
C ASP A 218 -2.10 3.02 9.26
N ILE A 219 -2.36 2.97 10.56
CA ILE A 219 -3.63 2.44 11.05
C ILE A 219 -4.81 3.28 10.57
N TRP A 220 -4.62 4.60 10.59
CA TRP A 220 -5.63 5.52 10.07
C TRP A 220 -5.96 5.19 8.60
N SER A 221 -4.93 5.11 7.76
CA SER A 221 -5.13 4.79 6.35
C SER A 221 -5.85 3.45 6.20
N LEU A 222 -5.41 2.48 6.98
CA LEU A 222 -5.99 1.14 6.96
C LEU A 222 -7.50 1.17 7.21
N GLY A 223 -7.92 2.00 8.15
CA GLY A 223 -9.32 2.14 8.49
C GLY A 223 -10.15 2.83 7.42
N CYS A 224 -9.58 3.87 6.82
CA CYS A 224 -10.19 4.54 5.68
C CYS A 224 -10.40 3.58 4.53
N LEU A 225 -9.43 2.70 4.32
CA LEU A 225 -9.49 1.71 3.25
C LEU A 225 -10.58 0.67 3.48
N LEU A 226 -10.70 0.21 4.73
CA LEU A 226 -11.76 -0.73 5.10
C LEU A 226 -13.11 -0.08 4.84
N TYR A 227 -13.24 1.18 5.23
CA TYR A 227 -14.46 1.93 4.99
C TYR A 227 -14.74 2.02 3.48
N GLU A 228 -13.70 2.31 2.71
CA GLU A 228 -13.89 2.52 1.29
C GLU A 228 -14.32 1.22 0.62
N MET A 229 -13.82 0.09 1.11
CA MET A 229 -14.25 -1.19 0.58
C MET A 229 -15.76 -1.39 0.78
N ALA A 230 -16.25 -0.93 1.92
CA ALA A 230 -17.64 -1.15 2.30
C ALA A 230 -18.59 -0.11 1.75
N ALA A 231 -18.10 1.12 1.56
CA ALA A 231 -18.94 2.23 1.08
C ALA A 231 -18.68 2.59 -0.39
N LEU A 232 -17.56 2.12 -0.94
CA LEU A 232 -17.13 2.45 -2.30
C LEU A 232 -16.75 3.92 -2.48
N GLN A 233 -16.43 4.56 -1.36
CA GLN A 233 -15.98 5.95 -1.32
C GLN A 233 -15.17 6.17 -0.05
N SER A 234 -14.25 7.13 -0.09
CA SER A 234 -13.53 7.53 1.12
C SER A 234 -14.54 8.02 2.14
N PRO A 235 -14.25 7.81 3.44
CA PRO A 235 -15.11 8.31 4.50
C PRO A 235 -15.25 9.84 4.46
N PHE A 236 -14.20 10.54 4.01
CA PHE A 236 -14.23 12.00 3.99
C PHE A 236 -14.18 12.56 2.57
N TYR A 237 -14.83 11.87 1.65
CA TYR A 237 -14.88 12.32 0.26
C TYR A 237 -15.48 13.72 0.14
N MET A 241 -13.30 20.40 -1.70
CA MET A 241 -12.86 19.69 -0.51
C MET A 241 -11.38 19.91 -0.22
N ASN A 242 -11.10 20.81 0.72
CA ASN A 242 -9.73 21.16 1.08
C ASN A 242 -9.31 20.61 2.45
N LEU A 243 -8.11 21.00 2.90
CA LEU A 243 -7.53 20.46 4.12
C LEU A 243 -8.14 21.03 5.40
N TYR A 244 -8.66 22.24 5.33
CA TYR A 244 -9.31 22.83 6.49
C TYR A 244 -10.64 22.14 6.73
N SER A 245 -11.44 22.01 5.66
CA SER A 245 -12.73 21.34 5.76
C SER A 245 -12.55 19.85 6.07
N LEU A 246 -11.47 19.26 5.56
CA LEU A 246 -11.16 17.88 5.87
C LEU A 246 -10.84 17.76 7.35
N CYS A 247 -10.02 18.67 7.85
CA CYS A 247 -9.69 18.69 9.27
C CYS A 247 -10.96 18.81 10.12
N LYS A 248 -11.85 19.70 9.72
CA LYS A 248 -13.15 19.88 10.38
C LYS A 248 -13.91 18.56 10.45
N LYS A 249 -14.17 17.98 9.29
CA LYS A 249 -14.83 16.67 9.19
C LYS A 249 -14.20 15.65 10.12
N ILE A 250 -12.88 15.51 10.07
CA ILE A 250 -12.18 14.49 10.86
C ILE A 250 -12.37 14.68 12.36
N GLU A 251 -12.28 15.93 12.82
CA GLU A 251 -12.42 16.21 14.24
C GLU A 251 -13.84 15.95 14.73
N GLN A 252 -14.78 15.89 13.79
CA GLN A 252 -16.18 15.70 14.13
C GLN A 252 -16.77 14.41 13.58
N CYS A 253 -15.91 13.51 13.11
CA CYS A 253 -16.38 12.25 12.55
C CYS A 253 -17.55 12.45 11.58
N ASP A 254 -17.51 13.57 10.86
CA ASP A 254 -18.48 13.82 9.79
C ASP A 254 -18.21 12.90 8.59
N TYR A 255 -18.46 11.61 8.77
CA TYR A 255 -18.51 10.65 7.64
C TYR A 255 -19.78 9.79 7.73
N PRO A 256 -20.38 9.45 6.58
CA PRO A 256 -21.65 8.73 6.61
C PRO A 256 -21.48 7.33 7.18
N PRO A 257 -22.42 6.88 7.99
CA PRO A 257 -22.29 5.54 8.59
C PRO A 257 -22.43 4.44 7.55
N LEU A 258 -21.76 3.31 7.74
CA LEU A 258 -21.95 2.15 6.88
C LEU A 258 -23.30 1.50 7.20
N PRO A 259 -23.96 0.89 6.20
CA PRO A 259 -25.29 0.34 6.46
C PRO A 259 -25.17 -0.91 7.32
N SER A 260 -25.88 -0.94 8.44
CA SER A 260 -25.76 -1.99 9.43
C SER A 260 -26.41 -3.31 8.97
N ASP A 261 -27.23 -3.22 7.93
CA ASP A 261 -27.86 -4.39 7.34
C ASP A 261 -26.93 -5.13 6.37
N HIS A 262 -25.84 -4.48 5.96
CA HIS A 262 -24.89 -5.14 5.07
C HIS A 262 -23.57 -5.44 5.76
N TYR A 263 -23.23 -4.61 6.74
CA TYR A 263 -21.95 -4.72 7.43
C TYR A 263 -22.09 -4.85 8.95
N SER A 264 -21.49 -5.91 9.48
CA SER A 264 -21.60 -6.28 10.89
C SER A 264 -21.08 -5.20 11.84
N GLU A 265 -21.53 -5.27 13.09
CA GLU A 265 -21.06 -4.34 14.12
C GLU A 265 -19.53 -4.43 14.23
N GLU A 266 -19.03 -5.64 14.03
CA GLU A 266 -17.59 -5.88 14.08
CA GLU A 266 -17.60 -5.89 14.07
C GLU A 266 -16.87 -5.07 13.01
N LEU A 267 -17.36 -5.11 11.78
CA LEU A 267 -16.70 -4.37 10.71
C LEU A 267 -16.78 -2.89 11.00
N ARG A 268 -17.96 -2.42 11.37
CA ARG A 268 -18.16 -0.99 11.63
C ARG A 268 -17.37 -0.43 12.82
N GLN A 269 -17.27 -1.22 13.89
CA GLN A 269 -16.47 -0.79 15.05
C GLN A 269 -14.98 -0.76 14.70
N LEU A 270 -14.52 -1.71 13.88
CA LEU A 270 -13.11 -1.74 13.48
C LEU A 270 -12.75 -0.48 12.68
N VAL A 271 -13.66 -0.08 11.78
CA VAL A 271 -13.49 1.20 11.09
C VAL A 271 -13.42 2.33 12.12
N ASN A 272 -14.46 2.45 12.96
CA ASN A 272 -14.55 3.53 13.95
C ASN A 272 -13.28 3.74 14.78
N MET A 273 -12.70 2.65 15.27
CA MET A 273 -11.52 2.77 16.13
C MET A 273 -10.24 3.11 15.34
N CYS A 274 -10.14 2.63 14.10
CA CYS A 274 -8.95 2.89 13.28
C CYS A 274 -8.86 4.35 12.83
N ILE A 275 -10.00 4.97 12.57
CA ILE A 275 -9.98 6.35 12.09
C ILE A 275 -10.36 7.35 13.19
N ASN A 276 -10.17 6.94 14.44
CA ASN A 276 -10.21 7.86 15.56
C ASN A 276 -9.16 8.95 15.36
N PRO A 277 -9.56 10.23 15.46
CA PRO A 277 -8.62 11.36 15.28
C PRO A 277 -7.38 11.22 16.15
N ASP A 278 -7.54 10.66 17.34
CA ASP A 278 -6.46 10.57 18.31
C ASP A 278 -5.66 9.29 18.10
N PRO A 279 -4.39 9.42 17.68
CA PRO A 279 -3.51 8.26 17.38
C PRO A 279 -3.46 7.28 18.54
N GLU A 280 -3.38 7.80 19.76
CA GLU A 280 -3.35 6.95 20.94
C GLU A 280 -4.64 6.14 21.14
N LYS A 281 -5.75 6.58 20.55
CA LYS A 281 -7.00 5.82 20.66
C LYS A 281 -7.08 4.72 19.60
N ARG A 282 -6.25 4.80 18.58
CA ARG A 282 -6.25 3.78 17.55
C ARG A 282 -5.53 2.55 18.04
N PRO A 283 -6.01 1.37 17.61
CA PRO A 283 -5.35 0.13 18.01
C PRO A 283 -4.07 -0.10 17.21
N ASP A 284 -3.22 -1.00 17.68
N ASP A 284 -3.22 -1.01 17.68
CA ASP A 284 -2.02 -1.39 16.95
CA ASP A 284 -2.02 -1.38 16.96
C ASP A 284 -2.45 -2.28 15.80
C ASP A 284 -2.40 -2.38 15.86
N VAL A 285 -1.51 -2.60 14.90
CA VAL A 285 -1.85 -3.47 13.77
C VAL A 285 -2.15 -4.91 14.19
N THR A 286 -1.58 -5.36 15.29
CA THR A 286 -1.81 -6.73 15.73
C THR A 286 -3.25 -6.96 16.18
N TYR A 287 -3.84 -5.97 16.84
CA TYR A 287 -5.24 -6.08 17.21
C TYR A 287 -6.13 -6.12 15.97
N VAL A 288 -5.86 -5.21 15.03
CA VAL A 288 -6.63 -5.14 13.79
C VAL A 288 -6.55 -6.46 13.03
N TYR A 289 -5.34 -6.97 12.90
CA TYR A 289 -5.11 -8.25 12.24
C TYR A 289 -5.90 -9.39 12.91
N ASP A 290 -5.89 -9.43 14.23
CA ASP A 290 -6.58 -10.50 14.96
C ASP A 290 -8.08 -10.49 14.70
N VAL A 291 -8.68 -9.31 14.59
CA VAL A 291 -10.10 -9.21 14.26
C VAL A 291 -10.35 -9.69 12.84
N ALA A 292 -9.54 -9.20 11.91
CA ALA A 292 -9.68 -9.58 10.50
C ALA A 292 -9.65 -11.11 10.35
N LYS A 293 -8.74 -11.76 11.06
CA LYS A 293 -8.62 -13.22 11.00
C LYS A 293 -9.85 -13.91 11.58
N ARG A 294 -10.31 -13.45 12.73
CA ARG A 294 -11.55 -13.96 13.32
C ARG A 294 -12.70 -13.81 12.32
N MET A 295 -12.90 -12.60 11.82
CA MET A 295 -14.01 -12.32 10.91
C MET A 295 -13.89 -13.07 9.58
N HIS A 296 -12.68 -13.17 9.04
CA HIS A 296 -12.48 -13.94 7.82
C HIS A 296 -12.85 -15.40 8.04
N ALA A 297 -12.41 -15.95 9.18
CA ALA A 297 -12.70 -17.33 9.54
C ALA A 297 -14.20 -17.63 9.58
N CYS A 298 -14.96 -16.77 10.28
CA CYS A 298 -16.36 -17.05 10.53
C CYS A 298 -17.33 -16.39 9.55
N THR A 299 -16.82 -15.95 8.40
CA THR A 299 -17.68 -15.53 7.30
C THR A 299 -17.39 -16.33 6.05
N ALA A 300 -16.35 -17.17 6.12
CA ALA A 300 -16.01 -18.05 5.00
C ALA A 300 -16.17 -19.52 5.38
#